data_7PKM
#
_entry.id   7PKM
#
_cell.length_a   35.531
_cell.length_b   66.810
_cell.length_c   62.691
_cell.angle_alpha   90.00
_cell.angle_beta   90.35
_cell.angle_gamma   90.00
#
_symmetry.space_group_name_H-M   'P 1 21 1'
#
loop_
_entity.id
_entity.type
_entity.pdbx_description
1 polymer 'UDP-3-O-acyl-N-acetylglucosamine deacetylase'
2 non-polymer 'ZINC ION'
3 non-polymer (2S,4S)-N-[(3R,5R)-1-cyclopropylcarbonyl-5-[[[2-methyl-4-[2-[4-(morpholin-4-ylmethyl)phenyl]ethynyl]phenyl]carbonylamino]methyl]pyrrolidin-3-yl]-4-fluoranyl-pyrrolidine-2-carboxamide
4 water water
#
_entity_poly.entity_id   1
_entity_poly.type   'polypeptide(L)'
_entity_poly.pdbx_seq_one_letter_code
;HHHHHHENLYFQSMIKQRTLKNIIRATGVGLHSGEKVYLTLKPAPVDTGIVFSRTDLDPVVEIPARAENVGETTMSTTLV
KGDVKVDTVEHLLSAMAGLGIDNAYVELSASEVPIMDGSAGPFVFLIQSAGLQEQEAAKKFIRIKREVSVEEGDKRAVFV
PFDGFKVSFEIDFDHPVFRGRTQQASVDFSSTSFVKEVSRARTFGFMRDIEYLRSQNLALGGSVENAIVVDENRVLNEDG
LRYEDEFVKHKILDAIGDLYLLGNSLIGEFRGFKSGHALNNQLLRTLIADKDAWEVVTFEDARTAPISYMRP
;
_entity_poly.pdbx_strand_id   A
#
loop_
_chem_comp.id
_chem_comp.type
_chem_comp.name
_chem_comp.formula
6G8 non-polymer (2S,4S)-N-[(3R,5R)-1-cyclopropylcarbonyl-5-[[[2-methyl-4-[2-[4-(morpholin-4-ylmethyl)phenyl]ethynyl]phenyl]carbonylamino]methyl]pyrrolidin-3-yl]-4-fluoranyl-pyrrolidine-2-carboxamide 'C35 H42 F N5 O4'
ZN non-polymer 'ZINC ION' 'Zn 2'
#
# COMPACT_ATOMS: atom_id res chain seq x y z
N MET A 14 -24.27 8.27 8.71
CA MET A 14 -23.64 7.86 7.43
C MET A 14 -22.15 7.58 7.63
N ILE A 15 -21.54 6.79 6.76
CA ILE A 15 -20.07 6.59 6.76
C ILE A 15 -19.45 7.87 6.16
N LYS A 16 -18.65 8.56 6.97
CA LYS A 16 -18.11 9.90 6.67
C LYS A 16 -16.65 9.79 6.21
N GLN A 17 -16.23 10.69 5.32
CA GLN A 17 -14.80 10.80 4.92
C GLN A 17 -13.98 11.09 6.18
N ARG A 18 -12.72 10.68 6.21
CA ARG A 18 -11.81 11.05 7.32
C ARG A 18 -10.53 11.64 6.77
N THR A 19 -9.92 12.52 7.55
CA THR A 19 -8.52 12.95 7.38
C THR A 19 -7.83 12.81 8.73
N LEU A 20 -6.59 13.28 8.79
CA LEU A 20 -5.81 13.37 10.05
C LEU A 20 -6.41 14.45 10.93
N LYS A 21 -6.41 14.23 12.23
CA LYS A 21 -6.75 15.25 13.25
C LYS A 21 -5.58 16.25 13.34
N ASN A 22 -4.34 15.78 13.21
CA ASN A 22 -3.11 16.58 13.46
C ASN A 22 -2.07 16.26 12.40
N ILE A 23 -1.12 17.15 12.16
CA ILE A 23 -0.02 16.86 11.19
C ILE A 23 0.96 15.90 11.87
N ILE A 24 1.55 14.99 11.09
CA ILE A 24 2.53 13.95 11.54
C ILE A 24 3.83 14.16 10.78
N ARG A 25 4.96 14.20 11.49
CA ARG A 25 6.31 14.33 10.88
C ARG A 25 7.07 13.02 11.11
N ALA A 26 7.83 12.56 10.12
CA ALA A 26 8.71 11.39 10.24
C ALA A 26 9.93 11.55 9.34
N THR A 27 10.98 10.82 9.71
CA THR A 27 12.30 10.82 9.07
C THR A 27 12.63 9.37 8.70
N GLY A 28 13.28 9.17 7.57
CA GLY A 28 13.83 7.85 7.24
C GLY A 28 14.71 7.90 6.02
N VAL A 29 14.96 6.72 5.45
CA VAL A 29 15.77 6.56 4.20
CA VAL A 29 15.79 6.49 4.23
C VAL A 29 14.88 5.92 3.14
N GLY A 30 15.09 6.33 1.89
CA GLY A 30 14.51 5.63 0.73
C GLY A 30 15.19 4.28 0.53
N LEU A 31 14.42 3.21 0.35
CA LEU A 31 14.94 1.84 0.12
C LEU A 31 15.94 1.87 -1.04
N HIS A 32 15.58 2.54 -2.13
CA HIS A 32 16.32 2.49 -3.41
C HIS A 32 17.34 3.62 -3.48
N SER A 33 16.92 4.84 -3.18
CA SER A 33 17.74 6.07 -3.25
C SER A 33 18.86 6.06 -2.20
N GLY A 34 18.60 5.49 -1.01
CA GLY A 34 19.47 5.64 0.16
C GLY A 34 19.44 7.05 0.75
N GLU A 35 18.58 7.94 0.26
CA GLU A 35 18.54 9.34 0.71
C GLU A 35 17.75 9.45 2.00
N LYS A 36 18.22 10.30 2.90
CA LYS A 36 17.45 10.76 4.07
C LYS A 36 16.25 11.55 3.54
N VAL A 37 15.07 11.29 4.07
CA VAL A 37 13.85 12.01 3.63
C VAL A 37 13.05 12.41 4.87
N TYR A 38 12.51 13.63 4.81
CA TYR A 38 11.58 14.17 5.82
C TYR A 38 10.18 14.04 5.22
N LEU A 39 9.31 13.36 5.96
CA LEU A 39 7.91 13.14 5.59
C LEU A 39 7.03 13.97 6.54
N THR A 40 6.05 14.67 5.96
CA THR A 40 4.95 15.32 6.70
C THR A 40 3.61 14.87 6.11
N LEU A 41 2.75 14.31 6.96
CA LEU A 41 1.34 13.99 6.60
C LEU A 41 0.45 15.12 7.11
N LYS A 42 -0.31 15.76 6.23
CA LYS A 42 -1.18 16.92 6.59
C LYS A 42 -2.63 16.53 6.36
N PRO A 43 -3.53 16.95 7.28
CA PRO A 43 -4.96 16.95 7.02
C PRO A 43 -5.23 17.57 5.65
N ALA A 44 -6.35 17.19 5.06
CA ALA A 44 -6.77 17.65 3.71
C ALA A 44 -8.28 17.77 3.74
N PRO A 45 -8.84 18.71 2.93
CA PRO A 45 -10.28 18.86 2.77
C PRO A 45 -10.99 17.62 2.19
N VAL A 46 -12.31 17.56 2.38
CA VAL A 46 -13.24 16.61 1.72
C VAL A 46 -12.90 16.50 0.23
N ASP A 47 -12.90 15.27 -0.30
CA ASP A 47 -12.72 14.98 -1.75
C ASP A 47 -11.32 15.36 -2.26
N THR A 48 -10.33 15.60 -1.41
CA THR A 48 -8.93 15.79 -1.86
C THR A 48 -8.36 14.47 -2.38
N GLY A 49 -8.65 13.36 -1.70
CA GLY A 49 -7.90 12.10 -1.87
C GLY A 49 -6.54 12.18 -1.21
N ILE A 50 -5.66 11.24 -1.54
CA ILE A 50 -4.25 11.23 -1.06
C ILE A 50 -3.40 11.88 -2.15
N VAL A 51 -2.60 12.89 -1.79
CA VAL A 51 -1.83 13.71 -2.76
C VAL A 51 -0.40 13.79 -2.24
N PHE A 52 0.57 13.32 -3.01
CA PHE A 52 2.00 13.37 -2.64
C PHE A 52 2.57 14.69 -3.14
N SER A 53 3.43 15.29 -2.34
CA SER A 53 3.95 16.66 -2.58
C SER A 53 5.46 16.61 -2.46
N ARG A 54 6.17 16.90 -3.54
CA ARG A 54 7.64 17.02 -3.56
C ARG A 54 7.97 18.47 -3.21
N THR A 55 8.25 18.73 -1.94
CA THR A 55 8.48 20.09 -1.39
C THR A 55 9.97 20.43 -1.43
N ASP A 56 10.82 19.57 -1.99
CA ASP A 56 12.24 19.89 -2.26
C ASP A 56 12.32 20.66 -3.58
N LEU A 57 11.25 20.66 -4.38
CA LEU A 57 11.23 21.32 -5.70
C LEU A 57 10.56 22.69 -5.57
N ASP A 58 10.98 23.61 -6.45
CA ASP A 58 10.44 25.00 -6.60
C ASP A 58 10.19 25.23 -8.08
N PRO A 59 8.91 25.23 -8.54
CA PRO A 59 7.76 25.06 -7.65
C PRO A 59 7.54 23.61 -7.17
N VAL A 60 6.92 23.52 -5.99
CA VAL A 60 6.37 22.29 -5.36
C VAL A 60 5.58 21.50 -6.42
N VAL A 61 5.83 20.19 -6.55
CA VAL A 61 5.07 19.29 -7.47
C VAL A 61 4.24 18.31 -6.63
N GLU A 62 2.92 18.32 -6.87
CA GLU A 62 1.90 17.49 -6.19
C GLU A 62 1.39 16.46 -7.19
N ILE A 63 1.43 15.16 -6.82
CA ILE A 63 0.94 14.02 -7.63
C ILE A 63 -0.14 13.28 -6.84
N PRO A 64 -1.43 13.39 -7.27
CA PRO A 64 -2.52 12.59 -6.72
C PRO A 64 -2.14 11.11 -6.81
N ALA A 65 -2.36 10.37 -5.71
CA ALA A 65 -2.13 8.91 -5.60
C ALA A 65 -3.28 8.19 -6.32
N ARG A 66 -3.17 8.08 -7.65
CA ARG A 66 -4.22 7.52 -8.53
C ARG A 66 -3.56 6.64 -9.60
N ALA A 67 -4.31 5.67 -10.13
CA ALA A 67 -3.86 4.66 -11.10
C ALA A 67 -3.24 5.35 -12.30
N GLU A 68 -3.87 6.44 -12.77
CA GLU A 68 -3.44 7.18 -13.99
C GLU A 68 -2.06 7.82 -13.81
N ASN A 69 -1.53 7.93 -12.58
CA ASN A 69 -0.24 8.65 -12.30
C ASN A 69 0.86 7.62 -11.95
N VAL A 70 0.59 6.33 -12.14
CA VAL A 70 1.60 5.27 -11.86
C VAL A 70 2.64 5.22 -13.00
N GLY A 71 3.94 5.17 -12.68
CA GLY A 71 5.05 5.06 -13.66
C GLY A 71 5.62 3.64 -13.74
N GLU A 72 6.93 3.51 -13.96
CA GLU A 72 7.75 2.27 -14.21
C GLU A 72 7.14 1.00 -13.61
N THR A 73 6.95 0.95 -12.28
CA THR A 73 6.34 -0.15 -11.44
C THR A 73 7.32 -1.29 -11.17
N THR A 74 8.51 -1.30 -11.79
CA THR A 74 9.46 -2.43 -11.69
C THR A 74 9.85 -2.63 -10.21
N MET A 75 10.65 -1.73 -9.63
CA MET A 75 11.18 -1.90 -8.25
C MET A 75 10.06 -1.76 -7.23
N SER A 76 9.09 -0.87 -7.46
CA SER A 76 8.06 -0.49 -6.46
C SER A 76 6.99 0.40 -7.12
N THR A 77 6.03 0.87 -6.34
CA THR A 77 4.93 1.69 -6.90
C THR A 77 5.39 3.15 -6.92
N THR A 78 5.52 3.71 -8.11
CA THR A 78 6.03 5.08 -8.35
C THR A 78 4.90 5.93 -8.92
N LEU A 79 4.70 7.11 -8.36
CA LEU A 79 3.87 8.17 -8.96
C LEU A 79 4.77 9.07 -9.80
N VAL A 80 4.27 9.53 -10.96
N VAL A 80 4.27 9.49 -10.96
CA VAL A 80 5.04 10.34 -11.94
CA VAL A 80 5.01 10.35 -11.95
C VAL A 80 4.16 11.45 -12.52
C VAL A 80 4.12 11.52 -12.34
N LYS A 81 4.75 12.62 -12.73
CA LYS A 81 4.11 13.82 -13.34
C LYS A 81 5.24 14.59 -14.03
N GLY A 82 5.28 14.57 -15.35
CA GLY A 82 6.43 15.03 -16.14
C GLY A 82 7.65 14.19 -15.82
N ASP A 83 8.76 14.83 -15.49
CA ASP A 83 10.04 14.16 -15.14
C ASP A 83 10.19 14.06 -13.62
N VAL A 84 9.16 14.39 -12.84
CA VAL A 84 9.16 14.27 -11.35
C VAL A 84 8.53 12.91 -10.98
N LYS A 85 9.15 12.19 -10.01
CA LYS A 85 8.61 10.92 -9.47
C LYS A 85 8.51 10.99 -7.94
N VAL A 86 7.66 10.13 -7.38
CA VAL A 86 7.65 9.74 -5.94
C VAL A 86 7.73 8.22 -5.88
N ASP A 87 8.83 7.67 -5.39
CA ASP A 87 9.09 6.22 -5.40
C ASP A 87 8.50 5.58 -4.12
N THR A 88 8.04 4.32 -4.24
CA THR A 88 7.75 3.41 -3.11
C THR A 88 6.65 4.00 -2.23
N VAL A 89 5.46 4.16 -2.80
CA VAL A 89 4.30 4.75 -2.09
C VAL A 89 3.45 3.68 -1.41
N GLU A 90 3.70 2.39 -1.65
CA GLU A 90 2.67 1.35 -1.44
C GLU A 90 2.49 1.05 0.05
N HIS A 91 3.52 1.16 0.89
CA HIS A 91 3.45 0.84 2.34
C HIS A 91 2.68 1.93 3.10
N LEU A 92 2.90 3.20 2.74
CA LEU A 92 2.19 4.35 3.36
C LEU A 92 0.73 4.35 2.90
N LEU A 93 0.51 4.17 1.59
CA LEU A 93 -0.86 4.00 1.02
C LEU A 93 -1.53 2.78 1.68
N SER A 94 -0.79 1.70 1.91
CA SER A 94 -1.29 0.53 2.65
C SER A 94 -1.79 0.96 4.05
N ALA A 95 -0.97 1.69 4.82
CA ALA A 95 -1.30 2.21 6.17
C ALA A 95 -2.57 3.06 6.11
N MET A 96 -2.66 4.00 5.17
CA MET A 96 -3.85 4.88 5.05
C MET A 96 -5.10 4.09 4.63
N ALA A 97 -4.94 3.18 3.67
CA ALA A 97 -6.02 2.28 3.22
C ALA A 97 -6.59 1.58 4.45
N GLY A 98 -5.72 0.99 5.27
CA GLY A 98 -6.09 0.14 6.42
C GLY A 98 -6.72 0.95 7.54
N LEU A 99 -6.54 2.25 7.60
CA LEU A 99 -7.18 3.09 8.65
C LEU A 99 -8.35 3.87 8.08
N GLY A 100 -8.63 3.67 6.80
CA GLY A 100 -9.71 4.32 6.04
C GLY A 100 -9.50 5.82 5.92
N ILE A 101 -8.28 6.27 5.75
CA ILE A 101 -8.03 7.73 5.49
C ILE A 101 -8.39 8.03 4.04
N ASP A 102 -9.27 9.01 3.85
CA ASP A 102 -9.77 9.45 2.52
C ASP A 102 -8.88 10.56 1.97
N ASN A 103 -8.52 11.51 2.81
CA ASN A 103 -8.00 12.84 2.40
C ASN A 103 -6.76 13.14 3.22
N ALA A 104 -5.61 13.35 2.59
CA ALA A 104 -4.34 13.70 3.27
C ALA A 104 -3.33 14.21 2.25
N TYR A 105 -2.54 15.20 2.62
CA TYR A 105 -1.36 15.63 1.85
C TYR A 105 -0.18 14.89 2.45
N VAL A 106 0.63 14.29 1.58
CA VAL A 106 1.90 13.62 1.98
C VAL A 106 3.03 14.45 1.40
N GLU A 107 3.76 15.17 2.25
CA GLU A 107 4.92 16.00 1.83
C GLU A 107 6.21 15.19 2.02
N LEU A 108 7.11 15.25 1.04
CA LEU A 108 8.42 14.55 0.99
C LEU A 108 9.51 15.55 0.63
N SER A 109 10.65 15.49 1.31
CA SER A 109 11.85 16.31 1.04
C SER A 109 12.72 15.67 -0.05
N ALA A 110 12.30 14.55 -0.63
CA ALA A 110 13.07 13.86 -1.70
C ALA A 110 12.15 12.91 -2.50
N SER A 111 12.73 12.18 -3.45
CA SER A 111 12.00 11.47 -4.51
C SER A 111 11.30 10.22 -3.97
N GLU A 112 11.64 9.76 -2.76
CA GLU A 112 11.22 8.42 -2.29
C GLU A 112 10.64 8.53 -0.87
N VAL A 113 9.52 7.85 -0.64
CA VAL A 113 8.91 7.62 0.69
C VAL A 113 9.90 6.83 1.55
N PRO A 114 10.11 7.21 2.83
CA PRO A 114 11.06 6.51 3.68
C PRO A 114 10.57 5.08 4.00
N ILE A 115 11.48 4.13 4.01
CA ILE A 115 11.11 2.69 4.15
C ILE A 115 10.83 2.35 5.63
N MET A 116 11.32 3.12 6.60
CA MET A 116 11.06 2.90 8.05
C MET A 116 11.57 1.50 8.42
N ASP A 117 10.74 0.58 8.95
CA ASP A 117 11.18 -0.81 9.31
C ASP A 117 10.89 -1.83 8.17
N GLY A 118 10.45 -1.39 6.99
CA GLY A 118 10.08 -2.26 5.86
C GLY A 118 8.60 -2.60 5.82
N SER A 119 7.85 -2.20 6.86
CA SER A 119 6.41 -2.52 7.05
C SER A 119 5.60 -1.22 7.07
N ALA A 120 4.30 -1.35 7.27
CA ALA A 120 3.38 -0.19 7.37
C ALA A 120 3.26 0.26 8.83
N GLY A 121 3.85 -0.48 9.76
CA GLY A 121 3.58 -0.35 11.21
C GLY A 121 3.89 1.05 11.71
N PRO A 122 5.11 1.55 11.46
CA PRO A 122 5.48 2.92 11.84
C PRO A 122 4.48 3.95 11.28
N PHE A 123 4.03 3.80 10.04
CA PHE A 123 3.01 4.72 9.46
C PHE A 123 1.67 4.61 10.20
N VAL A 124 1.20 3.40 10.48
CA VAL A 124 -0.10 3.26 11.20
C VAL A 124 0.04 3.87 12.61
N PHE A 125 1.17 3.69 13.27
CA PHE A 125 1.35 4.24 14.64
C PHE A 125 1.31 5.78 14.54
N LEU A 126 2.13 6.38 13.69
CA LEU A 126 2.19 7.85 13.51
C LEU A 126 0.79 8.40 13.21
N ILE A 127 0.04 7.76 12.30
CA ILE A 127 -1.34 8.20 11.98
C ILE A 127 -2.26 8.10 13.21
N GLN A 128 -2.25 6.97 13.94
CA GLN A 128 -3.21 6.76 15.04
C GLN A 128 -2.88 7.64 16.25
N SER A 129 -1.60 7.96 16.49
CA SER A 129 -1.13 8.93 17.51
C SER A 129 -1.77 10.30 17.28
N ALA A 130 -1.66 10.80 16.05
CA ALA A 130 -2.26 12.07 15.60
C ALA A 130 -3.79 11.98 15.62
N GLY A 131 -4.35 10.79 15.48
CA GLY A 131 -5.80 10.59 15.47
C GLY A 131 -6.40 10.99 14.12
N LEU A 132 -7.63 10.54 13.89
CA LEU A 132 -8.41 10.82 12.67
C LEU A 132 -9.52 11.83 12.96
N GLN A 133 -9.88 12.60 11.95
CA GLN A 133 -10.98 13.58 11.96
C GLN A 133 -12.04 13.13 10.95
N GLU A 134 -13.26 12.83 11.42
CA GLU A 134 -14.44 12.62 10.52
C GLU A 134 -14.81 13.97 9.90
N GLN A 135 -15.20 13.96 8.61
CA GLN A 135 -15.54 15.19 7.82
C GLN A 135 -17.00 15.08 7.38
N GLU A 136 -17.69 16.22 7.28
CA GLU A 136 -19.13 16.30 6.90
C GLU A 136 -19.28 16.05 5.39
N ALA A 137 -19.08 14.82 4.96
CA ALA A 137 -19.25 14.35 3.56
C ALA A 137 -19.24 12.82 3.60
N ALA A 138 -20.11 12.21 2.80
CA ALA A 138 -20.23 10.75 2.68
C ALA A 138 -18.92 10.22 2.09
N LYS A 139 -18.42 9.13 2.66
CA LYS A 139 -17.33 8.33 2.09
C LYS A 139 -17.91 7.61 0.87
N LYS A 140 -17.15 7.59 -0.23
CA LYS A 140 -17.56 6.90 -1.48
C LYS A 140 -16.79 5.59 -1.53
N PHE A 141 -17.49 4.51 -1.91
CA PHE A 141 -16.94 3.16 -2.05
C PHE A 141 -17.08 2.73 -3.51
N ILE A 142 -16.05 2.08 -4.04
CA ILE A 142 -16.14 1.26 -5.28
C ILE A 142 -16.54 -0.14 -4.86
N ARG A 143 -17.75 -0.55 -5.25
CA ARG A 143 -18.27 -1.91 -5.00
C ARG A 143 -18.03 -2.75 -6.26
N ILE A 144 -17.32 -3.86 -6.13
CA ILE A 144 -17.10 -4.85 -7.22
C ILE A 144 -18.44 -5.54 -7.52
N LYS A 145 -18.92 -5.48 -8.76
CA LYS A 145 -20.23 -6.01 -9.20
C LYS A 145 -20.02 -7.28 -10.01
N ARG A 146 -18.89 -7.37 -10.73
CA ARG A 146 -18.51 -8.49 -11.64
C ARG A 146 -17.09 -8.90 -11.32
N GLU A 147 -16.77 -10.16 -11.56
CA GLU A 147 -15.39 -10.66 -11.49
C GLU A 147 -14.58 -9.95 -12.59
N VAL A 148 -13.40 -9.47 -12.22
CA VAL A 148 -12.45 -8.85 -13.16
C VAL A 148 -11.10 -9.50 -12.89
N SER A 149 -10.56 -10.20 -13.86
CA SER A 149 -9.30 -10.95 -13.69
C SER A 149 -8.32 -10.50 -14.76
N VAL A 150 -7.03 -10.45 -14.44
CA VAL A 150 -5.98 -10.29 -15.47
C VAL A 150 -4.94 -11.39 -15.26
N GLU A 151 -4.37 -11.88 -16.34
CA GLU A 151 -3.28 -12.87 -16.29
C GLU A 151 -2.16 -12.36 -17.17
N GLU A 152 -0.94 -12.76 -16.84
CA GLU A 152 0.22 -12.74 -17.74
C GLU A 152 1.21 -13.81 -17.28
N GLY A 153 1.53 -14.76 -18.16
CA GLY A 153 2.33 -15.94 -17.80
C GLY A 153 1.68 -16.66 -16.65
N ASP A 154 2.42 -16.95 -15.57
CA ASP A 154 1.90 -17.76 -14.44
C ASP A 154 1.31 -16.84 -13.36
N LYS A 155 1.22 -15.53 -13.58
CA LYS A 155 0.71 -14.59 -12.56
C LYS A 155 -0.76 -14.27 -12.87
N ARG A 156 -1.55 -14.04 -11.83
CA ARG A 156 -2.97 -13.69 -12.02
C ARG A 156 -3.37 -12.78 -10.86
N ALA A 157 -4.24 -11.83 -11.14
CA ALA A 157 -4.82 -10.92 -10.13
C ALA A 157 -6.29 -10.73 -10.47
N VAL A 158 -7.15 -10.86 -9.46
CA VAL A 158 -8.61 -10.95 -9.67
C VAL A 158 -9.31 -10.04 -8.66
N PHE A 159 -10.32 -9.31 -9.13
CA PHE A 159 -11.42 -8.79 -8.29
C PHE A 159 -12.62 -9.73 -8.43
N VAL A 160 -13.27 -9.98 -7.30
CA VAL A 160 -14.47 -10.84 -7.11
C VAL A 160 -15.43 -10.10 -6.20
N PRO A 161 -16.73 -10.00 -6.54
CA PRO A 161 -17.71 -9.36 -5.66
C PRO A 161 -17.66 -9.99 -4.26
N PHE A 162 -17.80 -9.15 -3.23
CA PHE A 162 -17.68 -9.64 -1.84
C PHE A 162 -18.18 -8.54 -0.91
N ASP A 163 -19.17 -8.90 -0.11
CA ASP A 163 -19.94 -7.99 0.78
C ASP A 163 -19.02 -7.67 1.95
N GLY A 164 -17.98 -6.88 1.71
CA GLY A 164 -16.90 -6.62 2.69
C GLY A 164 -15.62 -6.19 2.00
N PHE A 165 -14.50 -6.25 2.71
CA PHE A 165 -13.19 -6.08 2.05
C PHE A 165 -12.27 -7.23 2.45
N LYS A 166 -11.69 -7.91 1.47
CA LYS A 166 -10.77 -9.04 1.74
C LYS A 166 -9.73 -9.22 0.64
N VAL A 167 -8.57 -9.75 1.04
CA VAL A 167 -7.36 -9.94 0.20
C VAL A 167 -6.85 -11.35 0.44
N SER A 168 -6.76 -12.14 -0.61
CA SER A 168 -6.13 -13.48 -0.61
C SER A 168 -4.92 -13.39 -1.51
N PHE A 169 -3.82 -14.01 -1.08
CA PHE A 169 -2.55 -13.97 -1.83
C PHE A 169 -1.82 -15.30 -1.69
N GLU A 170 -1.20 -15.70 -2.79
CA GLU A 170 -0.35 -16.90 -2.88
C GLU A 170 0.93 -16.50 -3.59
N ILE A 171 2.05 -16.94 -3.06
CA ILE A 171 3.36 -16.86 -3.74
C ILE A 171 3.95 -18.28 -3.78
N ASP A 172 5.01 -18.49 -4.56
CA ASP A 172 5.62 -19.83 -4.68
C ASP A 172 7.08 -19.63 -5.04
N PHE A 173 7.91 -19.31 -4.06
CA PHE A 173 9.37 -19.29 -4.22
C PHE A 173 9.86 -20.70 -3.98
N ASP A 174 10.63 -21.23 -4.93
CA ASP A 174 11.35 -22.51 -4.78
C ASP A 174 12.58 -22.19 -3.95
N HIS A 175 12.42 -22.27 -2.63
CA HIS A 175 13.42 -21.77 -1.65
C HIS A 175 13.16 -22.40 -0.28
N PRO A 176 14.20 -22.92 0.40
CA PRO A 176 14.04 -23.55 1.71
C PRO A 176 13.20 -22.78 2.74
N VAL A 177 13.13 -21.45 2.63
CA VAL A 177 12.43 -20.57 3.62
C VAL A 177 10.89 -20.63 3.44
N PHE A 178 10.40 -21.17 2.32
CA PHE A 178 8.99 -21.02 1.84
C PHE A 178 8.31 -22.38 1.75
N ARG A 181 7.56 -22.69 5.37
CA ARG A 181 6.66 -21.57 5.78
C ARG A 181 5.47 -21.49 4.80
N THR A 182 4.41 -20.76 5.18
CA THR A 182 3.14 -20.61 4.42
C THR A 182 3.33 -19.60 3.29
N GLN A 183 2.86 -19.97 2.09
CA GLN A 183 2.92 -19.14 0.86
C GLN A 183 1.51 -18.69 0.46
N GLN A 184 0.49 -19.02 1.23
CA GLN A 184 -0.91 -18.57 0.98
C GLN A 184 -1.45 -17.92 2.24
N ALA A 185 -2.27 -16.88 2.09
CA ALA A 185 -3.06 -16.34 3.20
C ALA A 185 -4.26 -15.58 2.65
N SER A 186 -5.27 -15.49 3.48
CA SER A 186 -6.54 -14.82 3.19
C SER A 186 -6.94 -14.07 4.45
N VAL A 187 -7.24 -12.78 4.32
CA VAL A 187 -7.68 -11.96 5.47
C VAL A 187 -8.94 -11.21 5.06
N ASP A 188 -10.04 -11.43 5.78
CA ASP A 188 -11.25 -10.59 5.73
C ASP A 188 -11.05 -9.44 6.74
N PHE A 189 -10.96 -8.20 6.28
CA PHE A 189 -10.59 -7.04 7.15
C PHE A 189 -11.80 -6.51 7.93
N SER A 190 -13.00 -7.03 7.72
CA SER A 190 -14.18 -6.70 8.58
C SER A 190 -14.14 -7.54 9.85
N SER A 191 -13.38 -8.63 9.90
CA SER A 191 -13.35 -9.49 11.10
C SER A 191 -11.93 -9.73 11.62
N THR A 192 -10.89 -9.45 10.85
CA THR A 192 -9.45 -9.56 11.24
C THR A 192 -8.80 -8.18 11.20
N SER A 193 -7.95 -7.86 12.18
CA SER A 193 -7.27 -6.54 12.31
C SER A 193 -6.15 -6.41 11.26
N PHE A 194 -6.30 -5.50 10.30
CA PHE A 194 -5.18 -5.01 9.46
C PHE A 194 -3.97 -4.64 10.33
N VAL A 195 -4.21 -3.87 11.39
CA VAL A 195 -3.16 -3.33 12.28
C VAL A 195 -2.36 -4.50 12.86
N LYS A 196 -3.03 -5.47 13.47
CA LYS A 196 -2.38 -6.55 14.25
C LYS A 196 -1.79 -7.60 13.31
N GLU A 197 -2.54 -7.97 12.27
CA GLU A 197 -2.27 -9.19 11.45
C GLU A 197 -1.45 -8.88 10.21
N VAL A 198 -1.46 -7.64 9.71
CA VAL A 198 -0.80 -7.35 8.39
C VAL A 198 0.21 -6.20 8.48
N SER A 199 -0.14 -5.08 9.11
CA SER A 199 0.68 -3.83 9.11
C SER A 199 2.16 -4.08 9.47
N ARG A 200 2.51 -5.06 10.32
CA ARG A 200 3.91 -5.26 10.82
C ARG A 200 4.72 -6.11 9.85
N ALA A 201 4.09 -6.61 8.78
CA ALA A 201 4.71 -7.51 7.80
C ALA A 201 5.73 -6.74 6.97
N ARG A 202 6.98 -7.19 6.99
CA ARG A 202 8.13 -6.47 6.39
C ARG A 202 8.40 -6.97 4.97
N THR A 203 8.74 -6.05 4.09
CA THR A 203 9.36 -6.34 2.77
C THR A 203 10.57 -7.25 2.99
N PHE A 204 11.04 -7.84 1.91
CA PHE A 204 12.07 -8.90 1.93
C PHE A 204 12.87 -8.89 0.63
N GLY A 205 14.11 -9.35 0.70
CA GLY A 205 15.07 -9.44 -0.40
C GLY A 205 15.96 -10.66 -0.24
N PHE A 206 16.22 -11.33 -1.35
CA PHE A 206 17.18 -12.46 -1.47
C PHE A 206 18.57 -11.89 -1.68
N MET A 207 19.56 -12.51 -1.05
CA MET A 207 20.95 -11.99 -1.00
C MET A 207 21.47 -11.76 -2.43
N ARG A 208 21.31 -12.71 -3.35
CA ARG A 208 21.91 -12.59 -4.72
C ARG A 208 21.26 -11.40 -5.43
N ASP A 209 19.93 -11.26 -5.38
CA ASP A 209 19.22 -10.07 -5.91
C ASP A 209 19.81 -8.80 -5.31
N ILE A 210 19.96 -8.76 -3.99
CA ILE A 210 20.42 -7.54 -3.28
C ILE A 210 21.79 -7.16 -3.83
N GLU A 211 22.70 -8.13 -3.93
CA GLU A 211 24.10 -7.96 -4.46
C GLU A 211 24.05 -7.37 -5.87
N TYR A 212 23.17 -7.88 -6.73
CA TYR A 212 23.03 -7.40 -8.12
C TYR A 212 22.49 -5.95 -8.15
N LEU A 213 21.41 -5.67 -7.42
CA LEU A 213 20.76 -4.34 -7.41
C LEU A 213 21.73 -3.30 -6.83
N ARG A 214 22.45 -3.64 -5.76
CA ARG A 214 23.49 -2.78 -5.15
C ARG A 214 24.47 -2.34 -6.24
N SER A 215 24.85 -3.30 -7.10
CA SER A 215 25.86 -3.14 -8.18
C SER A 215 25.29 -2.26 -9.28
N GLN A 216 23.96 -2.18 -9.41
CA GLN A 216 23.25 -1.27 -10.35
C GLN A 216 22.83 0.02 -9.63
N ASN A 217 23.54 0.41 -8.56
CA ASN A 217 23.24 1.61 -7.73
C ASN A 217 21.77 1.62 -7.29
N LEU A 218 21.18 0.45 -7.02
CA LEU A 218 19.82 0.29 -6.47
C LEU A 218 19.93 -0.28 -5.05
N ALA A 219 18.82 -0.30 -4.30
CA ALA A 219 18.71 -0.83 -2.92
C ALA A 219 19.71 -0.14 -1.97
N LEU A 220 19.97 1.15 -2.16
CA LEU A 220 21.06 1.87 -1.44
C LEU A 220 20.69 2.10 0.03
N GLY A 221 19.40 2.17 0.36
CA GLY A 221 18.92 2.35 1.74
C GLY A 221 18.67 1.03 2.46
N GLY A 222 18.79 -0.10 1.77
CA GLY A 222 18.45 -1.41 2.35
C GLY A 222 19.29 -1.76 3.56
N SER A 223 18.68 -2.37 4.58
CA SER A 223 19.40 -3.02 5.70
C SER A 223 18.47 -4.00 6.42
N VAL A 224 19.03 -4.83 7.29
CA VAL A 224 18.25 -5.75 8.16
C VAL A 224 17.30 -4.90 9.02
N GLU A 225 17.56 -3.61 9.17
CA GLU A 225 16.69 -2.68 9.93
C GLU A 225 15.40 -2.39 9.17
N ASN A 226 15.35 -2.60 7.85
CA ASN A 226 14.12 -2.24 7.06
C ASN A 226 13.73 -3.37 6.09
N ALA A 227 14.33 -4.55 6.19
CA ALA A 227 14.01 -5.68 5.29
C ALA A 227 14.38 -7.03 5.92
N ILE A 228 13.55 -8.05 5.65
CA ILE A 228 13.93 -9.47 5.83
C ILE A 228 14.92 -9.80 4.71
N VAL A 229 16.17 -10.06 5.08
CA VAL A 229 17.28 -10.47 4.19
C VAL A 229 17.40 -11.99 4.25
N VAL A 230 17.22 -12.65 3.12
CA VAL A 230 17.22 -14.13 2.97
C VAL A 230 18.40 -14.52 2.08
N ASP A 231 19.27 -15.41 2.55
CA ASP A 231 20.30 -16.06 1.69
C ASP A 231 19.67 -17.30 1.05
N GLU A 232 20.48 -18.30 0.70
CA GLU A 232 19.97 -19.52 0.01
C GLU A 232 19.09 -20.34 0.95
N ASN A 233 19.18 -20.17 2.25
CA ASN A 233 18.59 -21.13 3.23
C ASN A 233 17.69 -20.47 4.27
N ARG A 234 18.10 -19.32 4.80
CA ARG A 234 17.44 -18.76 6.01
C ARG A 234 17.43 -17.23 5.98
N VAL A 235 16.56 -16.70 6.83
CA VAL A 235 16.51 -15.27 7.23
C VAL A 235 17.81 -14.95 7.98
N LEU A 236 18.54 -13.94 7.54
CA LEU A 236 19.78 -13.51 8.22
C LEU A 236 19.43 -12.57 9.40
N ASN A 237 18.30 -11.85 9.33
CA ASN A 237 17.82 -11.01 10.45
C ASN A 237 17.93 -11.80 11.75
N GLU A 238 18.72 -11.28 12.68
CA GLU A 238 19.05 -11.89 14.00
C GLU A 238 17.78 -12.26 14.76
N ASP A 239 16.77 -11.38 14.80
CA ASP A 239 15.54 -11.54 15.61
C ASP A 239 14.43 -12.25 14.80
N GLY A 240 14.74 -12.71 13.58
CA GLY A 240 13.87 -13.59 12.78
C GLY A 240 12.67 -12.86 12.19
N LEU A 241 11.50 -13.53 12.15
CA LEU A 241 10.26 -13.07 11.49
C LEU A 241 9.27 -12.60 12.55
N ARG A 242 8.34 -11.74 12.17
CA ARG A 242 7.22 -11.26 13.03
C ARG A 242 5.99 -12.18 12.90
N TYR A 243 5.83 -12.84 11.75
CA TYR A 243 4.75 -13.81 11.49
C TYR A 243 5.36 -15.01 10.77
N GLU A 244 4.87 -16.21 11.03
CA GLU A 244 5.30 -17.44 10.31
C GLU A 244 5.14 -17.20 8.81
N ASP A 245 4.06 -16.52 8.42
CA ASP A 245 3.68 -16.20 7.01
C ASP A 245 3.98 -14.73 6.66
N GLU A 246 5.09 -14.19 7.10
CA GLU A 246 5.36 -12.74 6.97
C GLU A 246 5.46 -12.35 5.49
N PHE A 247 6.12 -13.17 4.66
CA PHE A 247 6.36 -12.88 3.23
C PHE A 247 5.02 -12.69 2.49
N VAL A 248 4.08 -13.63 2.60
CA VAL A 248 2.77 -13.51 1.91
C VAL A 248 1.95 -12.38 2.57
N LYS A 249 2.09 -12.18 3.88
CA LYS A 249 1.38 -11.08 4.61
C LYS A 249 1.84 -9.72 4.05
N HIS A 250 3.11 -9.59 3.70
CA HIS A 250 3.70 -8.36 3.13
C HIS A 250 3.16 -8.14 1.70
N LYS A 251 3.07 -9.20 0.92
CA LYS A 251 2.42 -9.21 -0.41
C LYS A 251 1.01 -8.66 -0.28
N ILE A 252 0.25 -9.03 0.76
CA ILE A 252 -1.13 -8.51 1.00
C ILE A 252 -1.07 -7.02 1.31
N LEU A 253 -0.07 -6.62 2.11
CA LEU A 253 0.11 -5.22 2.54
C LEU A 253 0.38 -4.38 1.28
N ASP A 254 1.29 -4.84 0.42
CA ASP A 254 1.61 -4.16 -0.87
C ASP A 254 0.35 -4.02 -1.73
N ALA A 255 -0.43 -5.09 -1.87
CA ALA A 255 -1.66 -5.11 -2.69
C ALA A 255 -2.64 -4.06 -2.15
N ILE A 256 -2.79 -3.97 -0.83
CA ILE A 256 -3.72 -3.01 -0.17
C ILE A 256 -3.30 -1.60 -0.57
N GLY A 257 -1.99 -1.33 -0.57
CA GLY A 257 -1.42 -0.04 -1.00
C GLY A 257 -1.82 0.28 -2.44
N ASP A 258 -1.56 -0.67 -3.35
CA ASP A 258 -1.85 -0.53 -4.79
C ASP A 258 -3.34 -0.33 -5.00
N LEU A 259 -4.19 -1.01 -4.23
CA LEU A 259 -5.67 -0.96 -4.41
C LEU A 259 -6.15 0.47 -4.12
N TYR A 260 -5.44 1.19 -3.25
CA TYR A 260 -5.85 2.55 -2.81
C TYR A 260 -5.63 3.55 -3.96
N LEU A 261 -4.83 3.20 -4.97
CA LEU A 261 -4.69 4.03 -6.19
C LEU A 261 -6.02 4.08 -6.93
N LEU A 262 -7.01 3.25 -6.59
CA LEU A 262 -8.37 3.42 -7.19
C LEU A 262 -8.95 4.78 -6.81
N GLY A 263 -8.49 5.38 -5.71
CA GLY A 263 -8.94 6.71 -5.25
C GLY A 263 -10.21 6.64 -4.40
N ASN A 264 -10.83 5.46 -4.28
CA ASN A 264 -11.96 5.20 -3.36
C ASN A 264 -11.72 3.86 -2.64
N SER A 265 -12.29 3.66 -1.45
CA SER A 265 -12.20 2.39 -0.70
C SER A 265 -13.06 1.32 -1.42
N LEU A 266 -12.60 0.08 -1.37
CA LEU A 266 -13.17 -1.08 -2.10
C LEU A 266 -14.13 -1.89 -1.23
N ILE A 267 -15.27 -2.26 -1.80
CA ILE A 267 -16.14 -3.36 -1.28
C ILE A 267 -16.05 -4.48 -2.30
N GLY A 268 -15.33 -5.52 -1.96
CA GLY A 268 -15.00 -6.62 -2.86
C GLY A 268 -13.84 -7.39 -2.28
N GLU A 269 -13.35 -8.35 -3.03
CA GLU A 269 -12.26 -9.26 -2.66
C GLU A 269 -11.20 -9.18 -3.75
N PHE A 270 -9.92 -9.11 -3.35
CA PHE A 270 -8.75 -9.19 -4.26
C PHE A 270 -8.09 -10.54 -4.03
N ARG A 271 -7.66 -11.19 -5.11
CA ARG A 271 -6.89 -12.47 -5.10
C ARG A 271 -5.68 -12.30 -6.00
N GLY A 272 -4.49 -12.46 -5.45
CA GLY A 272 -3.23 -12.47 -6.20
C GLY A 272 -2.62 -13.85 -6.20
N PHE A 273 -2.09 -14.26 -7.36
CA PHE A 273 -1.33 -15.51 -7.60
C PHE A 273 -0.02 -15.07 -8.23
N LYS A 274 1.04 -15.01 -7.40
CA LYS A 274 2.42 -14.57 -7.75
C LYS A 274 2.37 -13.16 -8.38
N SER A 275 1.35 -12.37 -8.07
CA SER A 275 1.15 -11.01 -8.67
C SER A 275 2.15 -10.00 -8.06
N GLY A 276 2.35 -8.88 -8.73
CA GLY A 276 3.17 -7.75 -8.27
C GLY A 276 2.57 -6.42 -8.71
N HIS A 277 3.34 -5.34 -8.56
CA HIS A 277 2.90 -3.94 -8.81
C HIS A 277 2.41 -3.80 -10.27
N ALA A 278 3.11 -4.38 -11.24
CA ALA A 278 2.76 -4.30 -12.68
C ALA A 278 1.38 -4.95 -12.93
N LEU A 279 1.18 -6.20 -12.51
CA LEU A 279 -0.12 -6.88 -12.76
C LEU A 279 -1.22 -6.26 -11.89
N ASN A 280 -0.91 -5.87 -10.65
CA ASN A 280 -1.91 -5.18 -9.80
C ASN A 280 -2.39 -3.92 -10.54
N ASN A 281 -1.46 -3.18 -11.15
CA ASN A 281 -1.78 -1.93 -11.90
C ASN A 281 -2.70 -2.24 -13.10
N GLN A 282 -2.41 -3.31 -13.86
CA GLN A 282 -3.22 -3.77 -15.02
C GLN A 282 -4.64 -4.08 -14.54
N LEU A 283 -4.76 -4.74 -13.39
CA LEU A 283 -6.08 -5.09 -12.80
C LEU A 283 -6.85 -3.80 -12.51
N LEU A 284 -6.19 -2.81 -11.89
CA LEU A 284 -6.81 -1.51 -11.54
C LEU A 284 -7.33 -0.85 -12.81
N ARG A 285 -6.49 -0.78 -13.84
CA ARG A 285 -6.86 -0.12 -15.12
C ARG A 285 -8.03 -0.89 -15.75
N THR A 286 -7.97 -2.21 -15.70
CA THR A 286 -9.02 -3.05 -16.32
C THR A 286 -10.35 -2.88 -15.57
N LEU A 287 -10.30 -2.77 -14.23
CA LEU A 287 -11.52 -2.56 -13.41
C LEU A 287 -12.12 -1.22 -13.82
N ILE A 288 -11.30 -0.17 -13.74
CA ILE A 288 -11.71 1.25 -13.97
C ILE A 288 -12.36 1.34 -15.37
N ALA A 289 -11.77 0.67 -16.36
CA ALA A 289 -12.21 0.66 -17.77
C ALA A 289 -13.53 -0.12 -17.95
N ASP A 290 -13.76 -1.22 -17.21
CA ASP A 290 -15.03 -1.96 -17.34
C ASP A 290 -16.05 -1.42 -16.33
N LYS A 291 -16.74 -0.34 -16.69
CA LYS A 291 -17.70 0.33 -15.79
C LYS A 291 -18.88 -0.61 -15.47
N ASP A 292 -19.10 -1.70 -16.23
CA ASP A 292 -20.17 -2.68 -15.90
C ASP A 292 -19.82 -3.47 -14.64
N ALA A 293 -18.54 -3.52 -14.28
CA ALA A 293 -18.02 -4.41 -13.22
C ALA A 293 -18.03 -3.70 -11.86
N TRP A 294 -18.35 -2.40 -11.77
CA TRP A 294 -18.28 -1.68 -10.47
C TRP A 294 -19.25 -0.50 -10.46
N GLU A 295 -19.60 -0.04 -9.26
CA GLU A 295 -20.44 1.16 -9.02
C GLU A 295 -19.80 1.90 -7.86
N VAL A 296 -20.11 3.18 -7.72
CA VAL A 296 -19.76 4.00 -6.53
C VAL A 296 -20.95 3.96 -5.60
N VAL A 297 -20.78 3.56 -4.35
CA VAL A 297 -21.88 3.55 -3.34
C VAL A 297 -21.46 4.41 -2.16
N THR A 298 -22.46 4.95 -1.47
CA THR A 298 -22.33 5.58 -0.13
C THR A 298 -23.31 4.87 0.80
N PHE A 299 -23.17 5.11 2.08
CA PHE A 299 -23.90 4.40 3.15
C PHE A 299 -24.43 5.43 4.14
N GLU A 300 -25.72 5.72 4.05
CA GLU A 300 -26.46 6.59 5.02
C GLU A 300 -26.46 5.91 6.41
N ASP A 301 -26.24 4.59 6.50
CA ASP A 301 -26.27 3.86 7.81
C ASP A 301 -25.10 2.87 7.95
N ALA A 302 -24.09 3.22 8.76
CA ALA A 302 -22.93 2.35 9.08
C ALA A 302 -23.37 0.99 9.65
N ARG A 303 -24.49 0.94 10.37
CA ARG A 303 -24.91 -0.26 11.14
C ARG A 303 -25.28 -1.39 10.18
N THR A 304 -25.68 -1.05 8.95
CA THR A 304 -26.14 -2.01 7.91
C THR A 304 -25.10 -2.15 6.77
N ALA A 305 -23.95 -1.47 6.86
CA ALA A 305 -22.91 -1.45 5.80
C ALA A 305 -22.09 -2.74 5.85
N PRO A 306 -21.56 -3.21 4.70
CA PRO A 306 -20.77 -4.44 4.67
C PRO A 306 -19.37 -4.35 5.31
N ILE A 307 -18.76 -3.18 5.23
CA ILE A 307 -17.47 -2.82 5.89
C ILE A 307 -17.78 -1.87 7.06
N SER A 308 -16.87 -1.80 8.05
CA SER A 308 -16.97 -0.90 9.22
C SER A 308 -15.58 -0.32 9.53
N TYR A 309 -15.51 0.77 10.31
CA TYR A 309 -14.23 1.44 10.67
C TYR A 309 -14.09 1.52 12.20
N MET A 310 -12.84 1.49 12.67
CA MET A 310 -12.46 1.83 14.07
C MET A 310 -13.01 3.22 14.39
N ARG A 311 -13.37 3.49 15.65
CA ARG A 311 -13.59 4.88 16.14
C ARG A 311 -12.40 5.74 15.69
N PRO A 312 -12.59 7.03 15.33
CA PRO A 312 -11.47 7.85 14.83
C PRO A 312 -10.36 8.08 15.88
ZN ZN B . 6.33 -3.95 0.01
C2 6G8 C . 8.14 -7.73 -2.21
C3 6G8 C . 9.54 -7.85 -1.61
C4 6G8 C . 10.42 -8.41 -2.70
C6 6G8 C . 8.12 -8.71 -3.37
C11 6G8 C . 14.23 -5.47 -2.08
C13 6G8 C . 16.61 -5.09 -1.86
C16 6G8 C . 14.11 -5.26 -0.60
C17 6G8 C . 9.91 -10.01 -4.50
C19 6G8 C . 11.37 -10.15 -4.76
C21 6G8 C . 11.84 -11.53 -5.18
C25 6G8 C . 12.78 -5.34 0.08
C26 6G8 C . 7.76 -5.33 -1.92
C30 6G8 C . 8.64 -2.41 -1.37
C31 6G8 C . 9.56 -2.92 -2.48
C32 6G8 C . 8.65 -3.65 -3.45
N1 6G8 C . 7.88 -6.39 -2.70
N5 6G8 C . 9.50 -9.10 -3.60
C7 6G8 C . 11.13 -7.26 -3.41
N8 6G8 C . 12.30 -6.85 -2.64
C9 6G8 C . 13.02 -5.77 -2.92
O10 6G8 C . 12.75 -5.03 -3.86
C12 6G8 C . 15.49 -5.37 -2.64
C14 6G8 C . 16.50 -4.89 -0.48
C15 6G8 C . 15.26 -4.99 0.15
O18 6G8 C . 9.12 -10.72 -5.10
C20 6G8 C . 11.78 -10.40 -6.20
O27 6G8 C . 7.86 -5.38 -0.70
C28 6G8 C . 7.45 -4.03 -2.61
N29 6G8 C . 7.29 -2.93 -1.64
F33 6G8 C . 10.47 -3.81 -1.98
C34 6G8 C . 17.57 -4.65 0.21
C35 6G8 C . 18.55 -4.58 0.88
C36 6G8 C . 19.63 -4.68 1.58
C37 6G8 C . 19.59 -5.39 2.77
C38 6G8 C . 20.73 -5.53 3.55
C39 6G8 C . 21.94 -4.98 3.15
C40 6G8 C . 22.00 -4.27 1.95
C41 6G8 C . 20.85 -4.12 1.17
C42 6G8 C . 23.14 -5.18 4.03
N43 6G8 C . 23.92 -3.97 4.34
C44 6G8 C . 23.04 -2.92 4.89
C45 6G8 C . 23.87 -1.75 5.41
O46 6G8 C . 24.79 -2.19 6.39
C47 6G8 C . 25.70 -3.15 5.87
C48 6G8 C . 24.92 -4.36 5.34
#